data_2IXK
#
_entry.id   2IXK
#
_cell.length_a   64.378
_cell.length_b   146.208
_cell.length_c   44.919
_cell.angle_alpha   90.00
_cell.angle_beta   90.00
_cell.angle_gamma   90.00
#
_symmetry.space_group_name_H-M   'P 21 21 2'
#
loop_
_entity.id
_entity.type
_entity.pdbx_description
1 polymer 'DTDP-4-DEHYDRORHAMNOSE 3,5-EPIMERASE'
2 non-polymer DTDP-4-KETO-L-RHAMNOSE
3 water water
#
_entity_poly.entity_id   1
_entity_poly.type   'polypeptide(L)'
_entity_poly.pdbx_seq_one_letter_code
;SMSMKATRLAIPDVILFEPRVFGDDRGFFFESYNQRAFEEACGHPVSFVQDNHSRSARGVLRGLHYQIRQAQGKLVRATL
GEVFDVAVDLRRGSPTFGQWVGERLSAENKRQMWIPAGFAHGFVVLSEYAEFLYKTTDFWAPEHERCIVWNDPELKIDWP
LQDAPLLSEKDRQGKAFADADCFP
;
_entity_poly.pdbx_strand_id   A,B
#
loop_
_chem_comp.id
_chem_comp.type
_chem_comp.name
_chem_comp.formula
TDO non-polymer DTDP-4-KETO-L-RHAMNOSE 'C16 H24 N2 O15 P2'
#
# COMPACT_ATOMS: atom_id res chain seq x y z
N SER A 1 -12.99 9.32 -22.25
CA SER A 1 -11.84 8.51 -21.73
C SER A 1 -11.28 9.11 -20.44
N MET A 2 -10.87 8.22 -19.54
CA MET A 2 -10.30 8.61 -18.27
C MET A 2 -9.09 7.73 -17.97
N SER A 3 -8.13 8.30 -17.25
CA SER A 3 -6.92 7.62 -16.90
C SER A 3 -6.29 8.32 -15.69
N MET A 4 -5.22 7.74 -15.15
CA MET A 4 -4.43 8.37 -14.07
C MET A 4 -4.06 9.79 -14.47
N LYS A 5 -4.12 10.72 -13.52
CA LYS A 5 -3.70 12.11 -13.77
C LYS A 5 -2.45 12.37 -12.94
N ALA A 6 -1.54 13.16 -13.50
CA ALA A 6 -0.35 13.62 -12.80
C ALA A 6 -0.18 15.11 -13.08
N THR A 7 0.08 15.87 -12.03
CA THR A 7 0.21 17.31 -12.12
C THR A 7 1.41 17.74 -11.30
N ARG A 8 2.40 18.39 -11.93
CA ARG A 8 3.52 18.94 -11.16
C ARG A 8 3.04 20.15 -10.37
N LEU A 9 3.45 20.24 -9.11
CA LEU A 9 3.05 21.35 -8.27
C LEU A 9 4.00 22.56 -8.47
N ALA A 10 3.81 23.59 -7.66
CA ALA A 10 4.56 24.84 -7.85
C ALA A 10 6.07 24.66 -7.64
N ILE A 11 6.44 23.68 -6.82
CA ILE A 11 7.80 23.16 -6.75
C ILE A 11 7.73 21.94 -7.66
N PRO A 12 8.25 22.05 -8.89
CA PRO A 12 7.86 21.13 -9.96
C PRO A 12 8.31 19.68 -9.77
N ASP A 13 9.28 19.41 -8.91
CA ASP A 13 9.67 18.01 -8.67
C ASP A 13 8.61 17.25 -7.82
N VAL A 14 7.72 17.99 -7.15
CA VAL A 14 6.65 17.38 -6.38
C VAL A 14 5.46 17.16 -7.31
N ILE A 15 4.96 15.94 -7.37
CA ILE A 15 3.88 15.58 -8.30
C ILE A 15 2.64 15.07 -7.54
N LEU A 16 1.47 15.59 -7.95
CA LEU A 16 0.18 15.18 -7.44
C LEU A 16 -0.42 14.17 -8.42
N PHE A 17 -0.66 12.95 -7.95
CA PHE A 17 -1.22 11.87 -8.75
C PHE A 17 -2.67 11.60 -8.33
N GLU A 18 -3.49 11.25 -9.30
CA GLU A 18 -4.85 10.84 -9.04
C GLU A 18 -5.20 9.63 -9.91
N PRO A 19 -5.36 8.46 -9.28
CA PRO A 19 -5.67 7.20 -9.97
C PRO A 19 -7.02 7.22 -10.66
N ARG A 20 -7.15 6.41 -11.70
CA ARG A 20 -8.44 6.14 -12.34
C ARG A 20 -9.13 5.01 -11.56
N VAL A 21 -10.36 5.26 -11.11
CA VAL A 21 -11.10 4.30 -10.28
C VAL A 21 -12.19 3.67 -11.13
N PHE A 22 -12.26 2.35 -11.07
CA PHE A 22 -13.29 1.58 -11.78
C PHE A 22 -14.33 1.10 -10.77
N GLY A 23 -15.54 1.63 -10.86
CA GLY A 23 -16.62 1.24 -9.98
C GLY A 23 -17.49 0.16 -10.62
N ASP A 24 -18.04 -0.71 -9.79
CA ASP A 24 -19.05 -1.66 -10.24
C ASP A 24 -19.89 -2.04 -9.04
N ASP A 25 -20.75 -3.04 -9.18
CA ASP A 25 -21.69 -3.29 -8.08
C ASP A 25 -21.07 -4.05 -6.93
N ARG A 26 -19.79 -4.43 -7.00
CA ARG A 26 -19.07 -5.01 -5.87
C ARG A 26 -18.48 -3.93 -4.96
N GLY A 27 -18.06 -2.85 -5.58
CA GLY A 27 -17.39 -1.70 -4.95
C GLY A 27 -16.57 -0.98 -5.99
N PHE A 28 -15.25 -1.03 -5.81
CA PHE A 28 -14.34 -0.47 -6.80
C PHE A 28 -13.01 -1.19 -6.84
N PHE A 29 -12.28 -0.92 -7.91
CA PHE A 29 -10.90 -1.33 -8.08
C PHE A 29 -10.10 -0.13 -8.61
N PHE A 30 -8.91 0.08 -8.09
CA PHE A 30 -7.94 1.00 -8.75
C PHE A 30 -6.51 0.53 -8.52
N GLU A 31 -5.64 0.91 -9.44
CA GLU A 31 -4.21 0.68 -9.28
C GLU A 31 -3.71 1.84 -8.45
N SER A 32 -3.29 1.59 -7.23
CA SER A 32 -2.73 2.66 -6.40
C SER A 32 -1.30 3.02 -6.78
N TYR A 33 -0.63 2.11 -7.48
CA TYR A 33 0.70 2.38 -8.03
C TYR A 33 0.97 1.48 -9.22
N ASN A 34 1.59 2.05 -10.25
CA ASN A 34 2.03 1.29 -11.38
C ASN A 34 3.37 1.86 -11.81
N GLN A 35 4.42 1.04 -11.73
CA GLN A 35 5.78 1.53 -11.94
C GLN A 35 5.96 2.15 -13.33
N ARG A 36 5.36 1.55 -14.35
CA ARG A 36 5.47 2.09 -15.70
C ARG A 36 4.87 3.49 -15.79
N ALA A 37 3.67 3.61 -15.24
CA ALA A 37 2.92 4.85 -15.34
C ALA A 37 3.60 5.94 -14.52
N PHE A 38 4.10 5.56 -13.36
CA PHE A 38 4.81 6.47 -12.47
C PHE A 38 6.09 6.97 -13.11
N GLU A 39 6.90 6.05 -13.62
CA GLU A 39 8.20 6.42 -14.19
C GLU A 39 8.00 7.32 -15.41
N GLU A 40 6.97 7.04 -16.20
CA GLU A 40 6.62 7.91 -17.32
C GLU A 40 6.30 9.33 -16.87
N ALA A 41 5.47 9.46 -15.84
CA ALA A 41 5.07 10.78 -15.36
C ALA A 41 6.24 11.54 -14.73
N CYS A 42 7.10 10.83 -14.00
CA CYS A 42 8.17 11.47 -13.26
C CYS A 42 9.35 11.77 -14.16
N GLY A 43 9.61 10.86 -15.11
CA GLY A 43 10.66 11.04 -16.11
C GLY A 43 11.95 10.32 -15.75
N HIS A 44 11.94 9.61 -14.62
CA HIS A 44 13.11 8.87 -14.20
C HIS A 44 12.71 7.55 -13.54
N PRO A 45 13.59 6.53 -13.59
CA PRO A 45 13.28 5.28 -12.90
C PRO A 45 13.22 5.44 -11.41
N VAL A 46 12.42 4.58 -10.76
CA VAL A 46 12.26 4.60 -9.30
C VAL A 46 12.27 3.16 -8.78
N SER A 47 12.74 3.00 -7.56
CA SER A 47 12.61 1.72 -6.88
C SER A 47 12.19 1.99 -5.44
N PHE A 48 11.08 1.39 -5.01
CA PHE A 48 10.61 1.55 -3.64
C PHE A 48 10.96 0.30 -2.87
N VAL A 49 11.41 0.48 -1.62
CA VAL A 49 11.91 -0.64 -0.82
C VAL A 49 11.17 -0.87 0.51
N GLN A 50 10.33 0.07 0.90
CA GLN A 50 9.61 -0.01 2.15
C GLN A 50 8.24 0.69 1.99
N ASP A 51 7.21 0.12 2.61
CA ASP A 51 5.89 0.74 2.67
C ASP A 51 5.54 0.85 4.15
N ASN A 52 5.05 2.02 4.53
CA ASN A 52 4.68 2.34 5.89
C ASN A 52 3.21 2.67 6.00
N HIS A 53 2.63 2.40 7.17
CA HIS A 53 1.19 2.57 7.42
C HIS A 53 1.04 3.15 8.82
N SER A 54 0.40 4.31 8.93
CA SER A 54 0.14 4.92 10.25
C SER A 54 -1.34 5.24 10.41
N ARG A 55 -1.79 5.26 11.65
CA ARG A 55 -3.16 5.65 11.99
C ARG A 55 -3.03 6.76 13.01
N SER A 56 -3.79 7.84 12.82
CA SER A 56 -3.66 9.05 13.62
C SER A 56 -5.02 9.67 13.90
N ALA A 57 -5.20 10.21 15.11
CA ALA A 57 -6.44 10.90 15.45
C ALA A 57 -6.47 12.32 14.91
N ARG A 58 -7.69 12.88 14.86
CA ARG A 58 -7.88 14.27 14.47
C ARG A 58 -6.91 15.17 15.21
N GLY A 59 -6.23 16.02 14.44
CA GLY A 59 -5.35 17.05 15.02
C GLY A 59 -3.94 16.57 15.25
N VAL A 60 -3.69 15.29 15.04
CA VAL A 60 -2.33 14.78 15.05
C VAL A 60 -1.57 15.39 13.88
N LEU A 61 -0.37 15.86 14.18
CA LEU A 61 0.56 16.33 13.16
C LEU A 61 1.84 15.52 13.27
N ARG A 62 2.25 14.90 12.15
CA ARG A 62 3.54 14.21 12.10
C ARG A 62 4.45 14.97 11.12
N GLY A 63 5.67 15.26 11.56
CA GLY A 63 6.65 15.99 10.72
C GLY A 63 7.37 17.09 11.49
N LEU A 64 8.23 17.87 10.83
CA LEU A 64 8.55 17.74 9.42
C LEU A 64 9.78 16.87 9.30
N HIS A 65 9.68 15.75 8.59
CA HIS A 65 10.69 14.69 8.62
C HIS A 65 11.50 14.53 7.34
N TYR A 66 12.79 14.20 7.52
CA TYR A 66 13.67 13.81 6.44
C TYR A 66 14.86 13.03 6.98
N GLN A 67 15.58 12.33 6.10
CA GLN A 67 16.80 11.62 6.45
C GLN A 67 17.92 12.29 5.67
N ILE A 68 18.96 12.77 6.37
CA ILE A 68 20.01 13.53 5.68
C ILE A 68 21.05 12.68 4.98
N ARG A 69 21.13 11.40 5.34
CA ARG A 69 21.79 10.38 4.52
C ARG A 69 20.75 9.30 4.34
N GLN A 70 20.88 8.47 3.30
CA GLN A 70 19.84 7.52 2.93
C GLN A 70 18.51 8.27 2.78
N ALA A 71 18.55 9.40 2.09
CA ALA A 71 17.39 10.23 1.92
C ALA A 71 16.32 9.43 1.18
N GLN A 72 15.07 9.61 1.60
CA GLN A 72 13.96 8.84 1.07
C GLN A 72 13.07 9.71 0.22
N GLY A 73 12.84 9.29 -1.01
CA GLY A 73 11.71 9.80 -1.78
C GLY A 73 10.47 9.08 -1.26
N LYS A 74 9.33 9.76 -1.22
CA LYS A 74 8.09 9.24 -0.61
C LYS A 74 6.91 9.43 -1.53
N LEU A 75 6.15 8.35 -1.73
CA LEU A 75 4.88 8.42 -2.46
C LEU A 75 3.79 8.11 -1.46
N VAL A 76 2.99 9.12 -1.17
CA VAL A 76 2.11 9.11 -0.03
C VAL A 76 0.63 9.25 -0.42
N ARG A 77 -0.23 8.64 0.37
CA ARG A 77 -1.67 8.73 0.18
C ARG A 77 -2.43 8.44 1.47
N ALA A 78 -3.71 8.80 1.48
CA ALA A 78 -4.57 8.49 2.62
C ALA A 78 -5.56 7.39 2.23
N THR A 79 -5.65 6.34 3.05
CA THR A 79 -6.65 5.28 2.81
C THR A 79 -7.87 5.31 3.73
N LEU A 80 -7.80 6.13 4.75
CA LEU A 80 -8.93 6.46 5.60
C LEU A 80 -8.80 7.93 5.96
N GLY A 81 -9.91 8.66 5.86
CA GLY A 81 -9.95 10.01 6.36
C GLY A 81 -9.29 11.01 5.41
N GLU A 82 -8.84 12.13 5.98
CA GLU A 82 -8.30 13.22 5.19
C GLU A 82 -7.17 13.90 5.97
N VAL A 83 -6.11 14.21 5.26
CA VAL A 83 -4.96 14.94 5.81
C VAL A 83 -4.64 16.12 4.92
N PHE A 84 -3.90 17.09 5.48
CA PHE A 84 -3.26 18.12 4.69
C PHE A 84 -1.78 17.77 4.72
N ASP A 85 -1.24 17.51 3.53
CA ASP A 85 0.09 16.96 3.37
C ASP A 85 1.01 18.00 2.80
N VAL A 86 2.19 18.14 3.41
CA VAL A 86 3.12 19.22 3.09
C VAL A 86 4.51 18.69 2.69
N ALA A 87 5.11 19.31 1.66
CA ALA A 87 6.46 19.01 1.20
C ALA A 87 7.27 20.32 1.20
N VAL A 88 8.40 20.30 1.91
CA VAL A 88 9.30 21.45 2.01
C VAL A 88 10.63 21.14 1.30
N ASP A 89 11.05 22.04 0.43
CA ASP A 89 12.30 21.84 -0.31
C ASP A 89 13.49 22.23 0.58
N LEU A 90 14.33 21.25 0.92
CA LEU A 90 15.48 21.51 1.81
C LEU A 90 16.82 21.40 1.08
N ARG A 91 16.76 21.51 -0.25
CA ARG A 91 17.99 21.54 -1.06
C ARG A 91 18.50 22.99 -1.15
N ARG A 92 19.61 23.26 -0.45
CA ARG A 92 20.14 24.62 -0.35
C ARG A 92 20.30 25.31 -1.68
N GLY A 93 20.78 24.59 -2.69
CA GLY A 93 21.01 25.16 -4.00
C GLY A 93 19.80 25.26 -4.92
N SER A 94 18.64 24.76 -4.46
CA SER A 94 17.43 24.79 -5.25
C SER A 94 16.84 26.18 -5.33
N PRO A 95 16.28 26.56 -6.48
CA PRO A 95 15.58 27.82 -6.61
C PRO A 95 14.38 27.94 -5.68
N THR A 96 13.90 26.80 -5.19
CA THR A 96 12.75 26.77 -4.29
C THR A 96 13.08 26.32 -2.86
N PHE A 97 14.36 26.44 -2.50
CA PHE A 97 14.82 26.15 -1.14
C PHE A 97 13.99 26.95 -0.14
N GLY A 98 13.43 26.25 0.84
CA GLY A 98 12.65 26.89 1.90
C GLY A 98 11.18 27.12 1.55
N GLN A 99 10.79 26.80 0.32
CA GLN A 99 9.39 26.87 -0.08
C GLN A 99 8.72 25.54 0.22
N TRP A 100 7.40 25.55 0.28
CA TRP A 100 6.63 24.35 0.55
C TRP A 100 5.40 24.37 -0.33
N VAL A 101 4.84 23.18 -0.56
CA VAL A 101 3.54 23.01 -1.21
C VAL A 101 2.72 22.08 -0.34
N GLY A 102 1.41 22.25 -0.39
CA GLY A 102 0.49 21.47 0.44
C GLY A 102 -0.78 21.12 -0.31
N GLU A 103 -1.29 19.92 -0.08
CA GLU A 103 -2.51 19.44 -0.69
C GLU A 103 -3.32 18.59 0.28
N ARG A 104 -4.64 18.63 0.15
CA ARG A 104 -5.49 17.70 0.89
C ARG A 104 -5.57 16.37 0.18
N LEU A 105 -5.20 15.31 0.89
CA LEU A 105 -5.26 13.93 0.40
C LEU A 105 -6.27 13.19 1.26
N SER A 106 -7.21 12.51 0.62
CA SER A 106 -8.20 11.76 1.35
C SER A 106 -8.43 10.39 0.73
N ALA A 107 -9.07 9.51 1.51
CA ALA A 107 -9.47 8.18 1.04
C ALA A 107 -10.41 8.29 -0.14
N GLU A 108 -11.24 9.33 -0.11
CA GLU A 108 -12.25 9.54 -1.14
C GLU A 108 -11.65 10.18 -2.40
N ASN A 109 -10.79 11.19 -2.26
CA ASN A 109 -10.24 11.85 -3.46
C ASN A 109 -9.11 11.03 -4.10
N LYS A 110 -8.52 10.13 -3.29
CA LYS A 110 -7.47 9.17 -3.73
C LYS A 110 -6.22 9.85 -4.29
N ARG A 111 -6.02 11.12 -3.94
CA ARG A 111 -4.85 11.83 -4.43
C ARG A 111 -3.60 11.38 -3.69
N GLN A 112 -2.48 11.40 -4.39
CA GLN A 112 -1.16 11.01 -3.88
C GLN A 112 -0.16 12.09 -4.17
N MET A 113 0.85 12.21 -3.31
CA MET A 113 1.92 13.16 -3.56
C MET A 113 3.23 12.40 -3.61
N TRP A 114 3.98 12.65 -4.67
CA TRP A 114 5.35 12.20 -4.82
C TRP A 114 6.26 13.31 -4.30
N ILE A 115 7.00 13.00 -3.26
CA ILE A 115 7.90 13.93 -2.57
C ILE A 115 9.33 13.39 -2.69
N PRO A 116 10.13 13.97 -3.59
CA PRO A 116 11.47 13.47 -3.84
C PRO A 116 12.41 13.56 -2.63
N ALA A 117 13.47 12.76 -2.66
CA ALA A 117 14.55 12.90 -1.72
C ALA A 117 15.05 14.35 -1.77
N GLY A 118 15.35 14.92 -0.62
CA GLY A 118 15.80 16.32 -0.55
C GLY A 118 14.75 17.24 0.06
N PHE A 119 13.56 16.67 0.36
CA PHE A 119 12.44 17.41 0.91
C PHE A 119 12.13 16.94 2.33
N ALA A 120 11.58 17.84 3.14
CA ALA A 120 10.95 17.44 4.39
C ALA A 120 9.46 17.19 4.15
N HIS A 121 8.88 16.29 4.93
CA HIS A 121 7.49 15.92 4.77
C HIS A 121 6.75 15.97 6.10
N GLY A 122 5.52 16.48 6.07
CA GLY A 122 4.63 16.36 7.22
C GLY A 122 3.18 16.35 6.81
N PHE A 123 2.32 15.98 7.76
CA PHE A 123 0.90 16.08 7.53
C PHE A 123 0.15 16.28 8.82
N VAL A 124 -1.01 16.90 8.70
CA VAL A 124 -1.93 17.07 9.81
C VAL A 124 -3.25 16.39 9.47
N VAL A 125 -3.87 15.79 10.48
CA VAL A 125 -5.08 15.00 10.28
C VAL A 125 -6.30 15.89 10.45
N LEU A 126 -7.14 15.96 9.43
CA LEU A 126 -8.35 16.79 9.46
C LEU A 126 -9.60 16.05 9.87
N SER A 127 -9.61 14.73 9.73
CA SER A 127 -10.77 13.89 9.98
C SER A 127 -10.67 13.20 11.35
N GLU A 128 -11.75 12.55 11.76
CA GLU A 128 -11.82 11.88 13.06
C GLU A 128 -10.57 11.02 13.31
N TYR A 129 -10.27 10.21 12.32
CA TYR A 129 -8.99 9.46 12.21
C TYR A 129 -8.56 9.50 10.76
N ALA A 130 -7.27 9.35 10.52
CA ALA A 130 -6.77 9.13 9.17
C ALA A 130 -5.77 7.99 9.19
N GLU A 131 -5.77 7.21 8.12
CA GLU A 131 -4.71 6.24 7.91
C GLU A 131 -3.95 6.68 6.69
N PHE A 132 -2.63 6.73 6.85
CA PHE A 132 -1.73 7.36 5.89
C PHE A 132 -0.73 6.31 5.50
N LEU A 133 -0.58 6.10 4.19
CA LEU A 133 0.30 5.06 3.65
C LEU A 133 1.36 5.74 2.82
N TYR A 134 2.58 5.24 2.90
CA TYR A 134 3.58 5.73 1.98
C TYR A 134 4.64 4.71 1.65
N LYS A 135 5.17 4.87 0.44
CA LYS A 135 6.23 4.05 -0.10
C LYS A 135 7.48 4.91 -0.09
N THR A 136 8.62 4.31 0.27
CA THR A 136 9.85 5.06 0.38
C THR A 136 10.94 4.42 -0.50
N THR A 137 11.82 5.25 -1.03
CA THR A 137 12.88 4.77 -1.92
C THR A 137 14.15 4.27 -1.21
N ASP A 138 14.22 4.46 0.11
CA ASP A 138 15.30 3.91 0.91
C ASP A 138 14.74 3.53 2.30
N PHE A 139 15.53 2.76 3.04
CA PHE A 139 15.06 2.25 4.31
C PHE A 139 15.14 3.30 5.40
N TRP A 140 14.29 3.11 6.39
CA TRP A 140 14.37 3.81 7.66
C TRP A 140 15.78 3.75 8.21
N ALA A 141 16.31 4.92 8.54
CA ALA A 141 17.66 5.03 9.14
C ALA A 141 17.59 6.04 10.29
N PRO A 142 17.19 5.58 11.49
CA PRO A 142 16.92 6.52 12.57
C PRO A 142 18.12 7.40 12.95
N GLU A 143 19.33 6.90 12.79
CA GLU A 143 20.55 7.69 12.99
C GLU A 143 20.59 8.97 12.11
N HIS A 144 19.98 8.90 10.94
CA HIS A 144 20.01 9.99 9.97
C HIS A 144 18.73 10.83 9.94
N GLU A 145 17.75 10.46 10.76
CA GLU A 145 16.50 11.20 10.82
C GLU A 145 16.72 12.58 11.39
N ARG A 146 16.03 13.55 10.82
CA ARG A 146 16.03 14.92 11.31
C ARG A 146 14.59 15.41 11.29
N CYS A 147 14.34 16.45 12.06
CA CYS A 147 13.02 17.04 12.14
C CYS A 147 13.12 18.55 12.23
N ILE A 148 12.27 19.22 11.47
CA ILE A 148 12.07 20.65 11.58
C ILE A 148 10.69 20.85 12.20
N VAL A 149 10.61 21.76 13.16
CA VAL A 149 9.38 21.99 13.90
C VAL A 149 8.28 22.54 12.99
N TRP A 150 7.08 22.00 13.18
CA TRP A 150 5.92 22.22 12.32
C TRP A 150 5.58 23.69 12.12
N ASN A 151 5.73 24.47 13.19
CA ASN A 151 5.34 25.88 13.17
C ASN A 151 6.53 26.82 13.03
N ASP A 152 7.60 26.32 12.40
CA ASP A 152 8.74 27.17 12.14
C ASP A 152 8.29 28.49 11.51
N PRO A 153 8.75 29.63 12.06
CA PRO A 153 8.23 30.92 11.62
C PRO A 153 8.79 31.43 10.28
N GLU A 154 9.84 30.79 9.76
CA GLU A 154 10.38 31.15 8.43
C GLU A 154 9.66 30.37 7.32
N LEU A 155 9.36 29.10 7.57
CA LEU A 155 8.62 28.31 6.61
C LEU A 155 7.18 28.81 6.47
N LYS A 156 6.60 29.24 7.58
CA LYS A 156 5.24 29.80 7.60
C LYS A 156 4.24 28.89 6.93
N ILE A 157 4.21 27.62 7.34
CA ILE A 157 3.25 26.68 6.78
C ILE A 157 1.87 27.01 7.32
N ASP A 158 0.89 27.03 6.42
CA ASP A 158 -0.49 27.35 6.75
C ASP A 158 -1.25 26.08 7.04
N TRP A 159 -1.09 25.54 8.24
CA TRP A 159 -1.72 24.29 8.60
C TRP A 159 -3.19 24.60 8.85
N PRO A 160 -4.11 23.89 8.17
CA PRO A 160 -5.51 24.21 8.34
C PRO A 160 -6.02 23.57 9.62
N LEU A 161 -5.49 24.05 10.73
CA LEU A 161 -5.79 23.47 12.03
C LEU A 161 -6.30 24.56 12.92
N GLN A 162 -7.34 24.22 13.67
CA GLN A 162 -8.04 25.18 14.48
C GLN A 162 -7.31 25.32 15.81
N ASP A 163 -7.04 24.17 16.44
CA ASP A 163 -6.39 24.13 17.75
C ASP A 163 -4.98 23.59 17.67
N ALA A 164 -4.27 23.58 18.81
CA ALA A 164 -2.92 23.05 18.86
C ALA A 164 -2.88 21.59 18.40
N PRO A 165 -1.87 21.22 17.61
CA PRO A 165 -1.80 19.83 17.15
C PRO A 165 -1.26 18.91 18.22
N LEU A 166 -1.55 17.62 18.09
CA LEU A 166 -0.93 16.62 18.93
C LEU A 166 0.30 16.12 18.24
N LEU A 167 1.44 16.22 18.93
CA LEU A 167 2.74 15.87 18.40
C LEU A 167 3.43 14.78 19.21
N SER A 168 4.27 13.99 18.56
CA SER A 168 5.20 13.15 19.30
C SER A 168 6.21 14.05 20.03
N GLU A 169 6.88 13.50 21.04
CA GLU A 169 7.95 14.21 21.72
C GLU A 169 9.05 14.64 20.73
N LYS A 170 9.50 13.70 19.90
CA LYS A 170 10.47 14.01 18.85
C LYS A 170 10.03 15.24 18.05
N ASP A 171 8.80 15.25 17.57
CA ASP A 171 8.35 16.34 16.69
C ASP A 171 8.19 17.65 17.46
N ARG A 172 7.80 17.59 18.73
CA ARG A 172 7.80 18.78 19.58
C ARG A 172 9.19 19.41 19.66
N GLN A 173 10.22 18.56 19.68
CA GLN A 173 11.60 19.02 19.76
C GLN A 173 12.24 19.28 18.40
N GLY A 174 11.44 19.49 17.35
CA GLY A 174 11.99 19.76 16.03
C GLY A 174 12.86 21.01 16.01
N LYS A 175 13.88 21.01 15.17
CA LYS A 175 14.74 22.18 15.03
C LYS A 175 14.07 23.32 14.28
N ALA A 176 14.58 24.53 14.48
CA ALA A 176 14.23 25.65 13.64
C ALA A 176 14.86 25.42 12.28
N PHE A 177 14.19 25.86 11.23
CA PHE A 177 14.73 25.79 9.87
C PHE A 177 16.11 26.45 9.82
N ALA A 178 16.25 27.59 10.50
CA ALA A 178 17.52 28.30 10.57
C ALA A 178 18.67 27.46 11.14
N ASP A 179 18.35 26.49 11.98
CA ASP A 179 19.35 25.66 12.65
C ASP A 179 19.42 24.25 12.10
N ALA A 180 18.60 23.93 11.10
CA ALA A 180 18.44 22.57 10.63
C ALA A 180 19.54 22.14 9.65
N ASP A 181 19.92 20.87 9.73
CA ASP A 181 20.72 20.24 8.68
C ASP A 181 19.92 20.22 7.40
N CYS A 182 20.47 20.77 6.33
CA CYS A 182 19.77 20.75 5.03
C CYS A 182 20.63 20.02 4.01
N PHE A 183 20.07 19.76 2.83
CA PHE A 183 20.79 19.08 1.77
C PHE A 183 21.52 20.16 0.97
N PRO A 184 22.61 19.80 0.31
CA PRO A 184 23.23 20.72 -0.63
C PRO A 184 22.26 21.19 -1.75
N SER B 1 11.54 -4.30 21.43
CA SER B 1 11.91 -5.41 20.50
C SER B 1 10.98 -6.66 20.59
N MET B 2 9.84 -6.54 19.91
CA MET B 2 9.07 -7.67 19.31
C MET B 2 9.46 -7.55 17.85
N SER B 3 8.85 -8.31 16.92
CA SER B 3 9.24 -8.20 15.51
C SER B 3 8.26 -8.81 14.52
N MET B 4 8.44 -8.52 13.24
CA MET B 4 7.64 -9.14 12.18
C MET B 4 7.71 -10.65 12.31
N LYS B 5 6.58 -11.32 12.05
CA LYS B 5 6.52 -12.77 12.09
C LYS B 5 6.25 -13.28 10.67
N ALA B 6 6.95 -14.33 10.27
CA ALA B 6 6.67 -15.00 9.00
C ALA B 6 6.49 -16.49 9.27
N THR B 7 5.47 -17.06 8.65
CA THR B 7 5.12 -18.47 8.88
C THR B 7 4.77 -19.12 7.56
N ARG B 8 5.51 -20.15 7.16
CA ARG B 8 5.16 -20.88 5.92
C ARG B 8 3.90 -21.70 6.15
N LEU B 9 2.99 -21.70 5.19
CA LEU B 9 1.75 -22.46 5.29
C LEU B 9 1.92 -23.90 4.82
N ALA B 10 0.83 -24.67 4.80
CA ALA B 10 0.88 -26.09 4.48
C ALA B 10 1.39 -26.33 3.06
N ILE B 11 1.16 -25.36 2.18
CA ILE B 11 1.84 -25.25 0.90
C ILE B 11 2.96 -24.27 1.20
N PRO B 12 4.19 -24.77 1.43
CA PRO B 12 5.22 -23.98 2.06
C PRO B 12 5.68 -22.71 1.33
N ASP B 13 5.47 -22.63 0.03
CA ASP B 13 5.85 -21.42 -0.71
C ASP B 13 4.88 -20.27 -0.45
N VAL B 14 3.74 -20.56 0.20
CA VAL B 14 2.80 -19.54 0.63
C VAL B 14 3.17 -19.14 2.06
N ILE B 15 3.34 -17.85 2.30
CA ILE B 15 3.83 -17.35 3.57
C ILE B 15 2.88 -16.34 4.18
N LEU B 16 2.59 -16.52 5.46
CA LEU B 16 1.74 -15.64 6.23
C LEU B 16 2.65 -14.71 7.02
N PHE B 17 2.49 -13.41 6.80
CA PHE B 17 3.27 -12.36 7.48
C PHE B 17 2.43 -11.57 8.47
N GLU B 18 3.04 -11.21 9.60
CA GLU B 18 2.38 -10.35 10.57
C GLU B 18 3.34 -9.25 11.02
N PRO B 19 3.06 -7.99 10.62
CA PRO B 19 3.92 -6.87 11.02
C PRO B 19 3.96 -6.59 12.50
N ARG B 20 5.05 -5.99 12.94
CA ARG B 20 5.16 -5.49 14.30
C ARG B 20 4.56 -4.08 14.35
N VAL B 21 3.56 -3.88 15.20
CA VAL B 21 2.88 -2.59 15.26
C VAL B 21 3.31 -1.80 16.48
N PHE B 22 3.66 -0.53 16.25
CA PHE B 22 4.09 0.37 17.32
C PHE B 22 2.98 1.36 17.64
N GLY B 23 2.36 1.18 18.79
CA GLY B 23 1.30 2.10 19.22
C GLY B 23 1.84 3.23 20.08
N ASP B 24 1.23 4.40 19.97
CA ASP B 24 1.50 5.50 20.88
C ASP B 24 0.28 6.39 21.02
N ASP B 25 0.45 7.52 21.69
CA ASP B 25 -0.64 8.46 21.92
C ASP B 25 -1.29 9.00 20.65
N ARG B 26 -0.57 8.97 19.53
CA ARG B 26 -1.13 9.42 18.27
C ARG B 26 -1.99 8.36 17.57
N GLY B 27 -1.68 7.09 17.80
CA GLY B 27 -2.36 6.00 17.09
C GLY B 27 -1.37 4.87 16.93
N PHE B 28 -1.02 4.55 15.69
CA PHE B 28 -0.02 3.51 15.47
C PHE B 28 0.82 3.77 14.23
N PHE B 29 1.93 3.03 14.16
CA PHE B 29 2.77 2.97 12.99
C PHE B 29 3.21 1.52 12.81
N PHE B 30 3.23 1.06 11.56
CA PHE B 30 3.91 -0.19 11.22
C PHE B 30 4.45 -0.16 9.78
N GLU B 31 5.50 -0.93 9.54
CA GLU B 31 6.00 -1.20 8.19
C GLU B 31 5.15 -2.30 7.60
N SER B 32 4.39 -1.97 6.56
CA SER B 32 3.53 -2.95 5.89
C SER B 32 4.36 -3.77 4.89
N TYR B 33 5.53 -3.25 4.51
CA TYR B 33 6.46 -4.00 3.65
C TYR B 33 7.87 -3.48 3.85
N ASN B 34 8.82 -4.41 3.91
CA ASN B 34 10.23 -4.07 3.98
C ASN B 34 10.97 -5.07 3.11
N GLN B 35 11.60 -4.59 2.05
CA GLN B 35 12.19 -5.48 1.06
C GLN B 35 13.23 -6.40 1.67
N ARG B 36 14.06 -5.88 2.57
CA ARG B 36 15.10 -6.70 3.20
C ARG B 36 14.50 -7.82 4.04
N ALA B 37 13.53 -7.46 4.87
CA ALA B 37 12.89 -8.40 5.76
C ALA B 37 12.13 -9.45 4.94
N PHE B 38 11.45 -8.99 3.89
CA PHE B 38 10.64 -9.87 3.06
C PHE B 38 11.50 -10.89 2.36
N GLU B 39 12.58 -10.42 1.76
CA GLU B 39 13.47 -11.29 1.00
C GLU B 39 14.17 -12.31 1.89
N GLU B 40 14.53 -11.89 3.11
CA GLU B 40 15.08 -12.77 4.11
C GLU B 40 14.12 -13.91 4.38
N ALA B 41 12.85 -13.59 4.59
CA ALA B 41 11.83 -14.58 4.90
C ALA B 41 11.51 -15.49 3.72
N CYS B 42 11.44 -14.91 2.52
CA CYS B 42 11.11 -15.69 1.31
C CYS B 42 12.27 -16.58 0.89
N GLY B 43 13.48 -16.09 1.08
CA GLY B 43 14.69 -16.82 0.70
C GLY B 43 15.17 -16.51 -0.71
N HIS B 44 14.55 -15.53 -1.36
CA HIS B 44 14.96 -15.09 -2.70
C HIS B 44 14.46 -13.67 -3.01
N PRO B 45 15.11 -12.98 -3.97
CA PRO B 45 14.72 -11.62 -4.29
C PRO B 45 13.33 -11.56 -4.93
N VAL B 46 12.58 -10.55 -4.56
CA VAL B 46 11.26 -10.30 -5.13
C VAL B 46 11.11 -8.81 -5.35
N SER B 47 10.59 -8.44 -6.51
CA SER B 47 10.46 -7.06 -6.95
C SER B 47 8.97 -6.84 -7.32
N PHE B 48 8.35 -5.79 -6.79
CA PHE B 48 6.94 -5.46 -7.04
C PHE B 48 6.84 -4.26 -7.96
N VAL B 49 5.93 -4.30 -8.92
CA VAL B 49 5.78 -3.22 -9.90
C VAL B 49 4.41 -2.57 -9.93
N GLN B 50 3.43 -3.15 -9.23
CA GLN B 50 2.10 -2.61 -9.22
C GLN B 50 1.45 -2.87 -7.87
N ASP B 51 0.69 -1.89 -7.37
CA ASP B 51 -0.09 -2.01 -6.15
C ASP B 51 -1.54 -1.76 -6.55
N ASN B 52 -2.43 -2.65 -6.09
CA ASN B 52 -3.85 -2.58 -6.39
C ASN B 52 -4.66 -2.44 -5.11
N HIS B 53 -5.81 -1.77 -5.21
CA HIS B 53 -6.68 -1.46 -4.06
C HIS B 53 -8.14 -1.69 -4.49
N SER B 54 -8.87 -2.55 -3.77
CA SER B 54 -10.29 -2.72 -4.09
C SER B 54 -11.11 -2.55 -2.83
N ARG B 55 -12.35 -2.19 -3.02
CA ARG B 55 -13.36 -2.09 -1.96
C ARG B 55 -14.51 -3.00 -2.37
N SER B 56 -14.97 -3.81 -1.43
CA SER B 56 -15.98 -4.81 -1.68
C SER B 56 -16.97 -4.90 -0.52
N ALA B 57 -18.25 -5.11 -0.85
CA ALA B 57 -19.29 -5.32 0.15
C ALA B 57 -19.30 -6.73 0.71
N ARG B 58 -19.96 -6.90 1.86
CA ARG B 58 -20.13 -8.22 2.47
C ARG B 58 -20.60 -9.26 1.44
N GLY B 59 -19.94 -10.42 1.41
CA GLY B 59 -20.37 -11.52 0.52
C GLY B 59 -19.81 -11.44 -0.89
N VAL B 60 -19.14 -10.33 -1.22
CA VAL B 60 -18.43 -10.27 -2.48
C VAL B 60 -17.29 -11.28 -2.44
N LEU B 61 -17.15 -12.01 -3.54
CA LEU B 61 -16.06 -12.95 -3.72
C LEU B 61 -15.37 -12.57 -5.01
N ARG B 62 -14.05 -12.34 -4.94
CA ARG B 62 -13.24 -12.08 -6.13
C ARG B 62 -12.26 -13.24 -6.32
N GLY B 63 -12.27 -13.82 -7.51
CA GLY B 63 -11.35 -14.92 -7.82
C GLY B 63 -12.08 -16.04 -8.54
N LEU B 64 -11.41 -17.16 -8.79
CA LEU B 64 -9.98 -17.39 -8.49
C LEU B 64 -9.12 -16.97 -9.68
N HIS B 65 -8.21 -16.01 -9.47
CA HIS B 65 -7.50 -15.34 -10.54
C HIS B 65 -6.04 -15.70 -10.64
N TYR B 66 -5.55 -15.68 -11.88
CA TYR B 66 -4.13 -15.84 -12.17
C TYR B 66 -3.88 -15.40 -13.59
N GLN B 67 -2.62 -15.08 -13.87
CA GLN B 67 -2.16 -14.75 -15.24
C GLN B 67 -1.23 -15.87 -15.67
N ILE B 68 -1.56 -16.47 -16.81
CA ILE B 68 -0.89 -17.70 -17.23
C ILE B 68 0.46 -17.41 -17.85
N ARG B 69 0.56 -16.21 -18.43
CA ARG B 69 1.80 -15.57 -18.82
C ARG B 69 1.87 -14.22 -18.11
N GLN B 70 3.07 -13.66 -17.97
CA GLN B 70 3.29 -12.50 -17.09
C GLN B 70 2.71 -12.82 -15.72
N ALA B 71 3.03 -14.00 -15.22
CA ALA B 71 2.45 -14.45 -13.96
C ALA B 71 2.84 -13.50 -12.84
N GLN B 72 1.91 -13.28 -11.91
CA GLN B 72 2.09 -12.34 -10.80
C GLN B 72 2.17 -13.06 -9.46
N GLY B 73 3.29 -12.89 -8.76
CA GLY B 73 3.29 -13.13 -7.33
C GLY B 73 2.53 -11.98 -6.67
N LYS B 74 1.82 -12.27 -5.59
CA LYS B 74 0.99 -11.26 -4.92
C LYS B 74 1.25 -11.23 -3.42
N LEU B 75 1.41 -10.03 -2.87
CA LEU B 75 1.49 -9.86 -1.43
C LEU B 75 0.25 -9.10 -1.03
N VAL B 76 -0.63 -9.76 -0.29
CA VAL B 76 -1.99 -9.26 -0.08
C VAL B 76 -2.28 -8.99 1.39
N ARG B 77 -3.16 -8.04 1.62
CA ARG B 77 -3.58 -7.69 2.98
C ARG B 77 -4.92 -6.93 2.97
N ALA B 78 -5.56 -6.82 4.13
CA ALA B 78 -6.82 -6.08 4.27
C ALA B 78 -6.57 -4.84 5.12
N THR B 79 -6.94 -3.67 4.63
CA THR B 79 -6.81 -2.43 5.40
C THR B 79 -8.11 -1.92 6.00
N LEU B 80 -9.23 -2.53 5.63
CA LEU B 80 -10.53 -2.25 6.21
C LEU B 80 -11.29 -3.57 6.20
N GLY B 81 -11.92 -3.92 7.32
CA GLY B 81 -12.74 -5.11 7.36
C GLY B 81 -11.94 -6.41 7.40
N GLU B 82 -12.60 -7.49 6.98
CA GLU B 82 -12.05 -8.83 7.12
C GLU B 82 -12.42 -9.65 5.90
N VAL B 83 -11.47 -10.41 5.39
CA VAL B 83 -11.72 -11.34 4.30
C VAL B 83 -11.15 -12.71 4.65
N PHE B 84 -11.64 -13.73 3.95
CA PHE B 84 -10.99 -15.04 3.92
C PHE B 84 -10.29 -15.15 2.57
N ASP B 85 -8.97 -15.33 2.62
CA ASP B 85 -8.11 -15.23 1.46
C ASP B 85 -7.58 -16.62 1.16
N VAL B 86 -7.62 -17.00 -0.11
CA VAL B 86 -7.31 -18.36 -0.55
C VAL B 86 -6.25 -18.36 -1.65
N ALA B 87 -5.31 -19.29 -1.54
CA ALA B 87 -4.28 -19.52 -2.54
C ALA B 87 -4.39 -20.97 -3.01
N VAL B 88 -4.47 -21.18 -4.33
CA VAL B 88 -4.55 -22.50 -4.94
C VAL B 88 -3.30 -22.79 -5.77
N ASP B 89 -2.61 -23.90 -5.51
CA ASP B 89 -1.40 -24.27 -6.23
C ASP B 89 -1.77 -24.83 -7.60
N LEU B 90 -1.39 -24.13 -8.67
CA LEU B 90 -1.68 -24.58 -10.03
C LEU B 90 -0.42 -24.98 -10.79
N ARG B 91 0.64 -25.34 -10.05
CA ARG B 91 1.87 -25.81 -10.68
C ARG B 91 1.78 -27.30 -10.85
N ARG B 92 1.68 -27.76 -12.09
CA ARG B 92 1.43 -29.17 -12.37
C ARG B 92 2.47 -30.12 -11.74
N GLY B 93 3.72 -29.67 -11.70
CA GLY B 93 4.81 -30.49 -11.17
C GLY B 93 4.94 -30.46 -9.65
N SER B 94 4.15 -29.63 -8.99
CA SER B 94 4.23 -29.49 -7.54
C SER B 94 3.52 -30.65 -6.86
N PRO B 95 4.05 -31.10 -5.70
CA PRO B 95 3.39 -32.16 -4.94
C PRO B 95 2.08 -31.71 -4.28
N THR B 96 1.84 -30.39 -4.24
CA THR B 96 0.60 -29.86 -3.71
C THR B 96 -0.27 -29.26 -4.81
N PHE B 97 -0.03 -29.65 -6.06
CA PHE B 97 -0.88 -29.23 -7.18
C PHE B 97 -2.33 -29.49 -6.85
N GLY B 98 -3.16 -28.46 -6.97
CA GLY B 98 -4.59 -28.58 -6.79
C GLY B 98 -5.05 -28.50 -5.36
N GLN B 99 -4.12 -28.32 -4.42
CA GLN B 99 -4.44 -28.04 -3.02
C GLN B 99 -4.55 -26.53 -2.81
N TRP B 100 -5.17 -26.14 -1.71
CA TRP B 100 -5.30 -24.74 -1.38
C TRP B 100 -5.07 -24.52 0.13
N VAL B 101 -4.71 -23.29 0.46
CA VAL B 101 -4.65 -22.82 1.84
C VAL B 101 -5.44 -21.53 1.95
N GLY B 102 -6.00 -21.28 3.13
CA GLY B 102 -6.77 -20.08 3.34
C GLY B 102 -6.59 -19.53 4.74
N GLU B 103 -6.64 -18.22 4.85
CA GLU B 103 -6.48 -17.54 6.13
C GLU B 103 -7.39 -16.32 6.17
N ARG B 104 -7.86 -15.98 7.37
CA ARG B 104 -8.57 -14.73 7.57
C ARG B 104 -7.57 -13.57 7.72
N LEU B 105 -7.72 -12.56 6.86
CA LEU B 105 -6.89 -11.35 6.90
C LEU B 105 -7.82 -10.20 7.19
N SER B 106 -7.43 -9.36 8.15
CA SER B 106 -8.27 -8.23 8.53
C SER B 106 -7.44 -6.97 8.82
N ALA B 107 -8.14 -5.84 8.85
CA ALA B 107 -7.52 -4.57 9.22
C ALA B 107 -6.96 -4.65 10.60
N GLU B 108 -7.64 -5.43 11.45
CA GLU B 108 -7.28 -5.56 12.85
C GLU B 108 -6.08 -6.52 13.04
N ASN B 109 -6.09 -7.68 12.39
CA ASN B 109 -5.01 -8.65 12.61
C ASN B 109 -3.75 -8.32 11.81
N LYS B 110 -3.91 -7.50 10.79
CA LYS B 110 -2.81 -7.01 9.96
C LYS B 110 -1.99 -8.11 9.30
N ARG B 111 -2.58 -9.30 9.16
CA ARG B 111 -1.89 -10.38 8.52
C ARG B 111 -1.88 -10.18 7.01
N GLN B 112 -0.83 -10.72 6.39
CA GLN B 112 -0.64 -10.64 4.95
C GLN B 112 -0.28 -12.00 4.42
N MET B 113 -0.67 -12.29 3.18
CA MET B 113 -0.24 -13.52 2.54
C MET B 113 0.59 -13.25 1.29
N TRP B 114 1.72 -13.94 1.21
CA TRP B 114 2.54 -13.94 0.02
C TRP B 114 2.18 -15.20 -0.77
N ILE B 115 1.70 -14.97 -1.99
CA ILE B 115 1.21 -15.99 -2.90
C ILE B 115 2.02 -15.89 -4.19
N PRO B 116 3.01 -16.77 -4.34
CA PRO B 116 3.92 -16.64 -5.49
C PRO B 116 3.27 -16.91 -6.83
N ALA B 117 3.97 -16.53 -7.88
CA ALA B 117 3.58 -16.93 -9.24
C ALA B 117 3.32 -18.45 -9.31
N GLY B 118 2.26 -18.84 -10.01
CA GLY B 118 1.94 -20.26 -10.14
C GLY B 118 0.70 -20.66 -9.38
N PHE B 119 0.15 -19.71 -8.64
CA PHE B 119 -1.05 -19.91 -7.81
C PHE B 119 -2.22 -19.12 -8.35
N ALA B 120 -3.42 -19.62 -8.08
CA ALA B 120 -4.65 -18.83 -8.20
C ALA B 120 -4.98 -18.25 -6.83
N HIS B 121 -5.62 -17.09 -6.84
CA HIS B 121 -5.90 -16.34 -5.64
C HIS B 121 -7.34 -15.86 -5.66
N GLY B 122 -7.97 -15.87 -4.49
CA GLY B 122 -9.30 -15.29 -4.34
C GLY B 122 -9.57 -14.93 -2.91
N PHE B 123 -10.60 -14.11 -2.69
CA PHE B 123 -11.03 -13.79 -1.34
C PHE B 123 -12.54 -13.55 -1.30
N VAL B 124 -13.11 -13.74 -0.12
CA VAL B 124 -14.51 -13.41 0.16
C VAL B 124 -14.57 -12.48 1.36
N VAL B 125 -15.49 -11.51 1.29
CA VAL B 125 -15.63 -10.50 2.31
C VAL B 125 -16.57 -10.99 3.40
N LEU B 126 -16.07 -10.92 4.62
CA LEU B 126 -16.82 -11.35 5.82
C LEU B 126 -17.50 -10.18 6.54
N SER B 127 -16.94 -8.99 6.39
CA SER B 127 -17.41 -7.80 7.11
C SER B 127 -18.38 -7.00 6.24
N GLU B 128 -18.97 -5.92 6.76
CA GLU B 128 -19.93 -5.12 5.98
C GLU B 128 -19.28 -4.62 4.66
N TYR B 129 -18.06 -4.12 4.79
CA TYR B 129 -17.20 -3.80 3.66
C TYR B 129 -15.77 -4.23 3.99
N ALA B 130 -14.98 -4.49 2.95
CA ALA B 130 -13.55 -4.74 3.14
C ALA B 130 -12.79 -4.03 2.04
N GLU B 131 -11.62 -3.54 2.40
CA GLU B 131 -10.68 -2.98 1.44
C GLU B 131 -9.44 -3.82 1.47
N PHE B 132 -9.04 -4.21 0.26
CA PHE B 132 -8.04 -5.22 0.01
C PHE B 132 -6.95 -4.59 -0.86
N LEU B 133 -5.71 -4.71 -0.39
CA LEU B 133 -4.57 -4.11 -1.08
C LEU B 133 -3.64 -5.24 -1.41
N TYR B 134 -3.05 -5.19 -2.60
CA TYR B 134 -2.01 -6.13 -2.90
C TYR B 134 -0.98 -5.59 -3.84
N LYS B 135 0.22 -6.11 -3.71
CA LYS B 135 1.36 -5.73 -4.52
C LYS B 135 1.58 -6.88 -5.47
N THR B 136 1.94 -6.61 -6.72
CA THR B 136 2.16 -7.66 -7.71
C THR B 136 3.56 -7.58 -8.32
N THR B 137 4.13 -8.73 -8.67
CA THR B 137 5.50 -8.78 -9.23
C THR B 137 5.56 -8.55 -10.73
N ASP B 138 4.40 -8.50 -11.38
CA ASP B 138 4.35 -8.14 -12.81
C ASP B 138 3.06 -7.38 -13.06
N PHE B 139 2.98 -6.79 -14.23
CA PHE B 139 1.85 -5.93 -14.57
C PHE B 139 0.62 -6.72 -14.98
N TRP B 140 -0.54 -6.09 -14.79
CA TRP B 140 -1.80 -6.57 -15.30
C TRP B 140 -1.69 -6.84 -16.80
N ALA B 141 -2.13 -8.02 -17.21
CA ALA B 141 -2.14 -8.40 -18.61
C ALA B 141 -3.46 -9.11 -18.85
N PRO B 142 -4.50 -8.33 -19.21
CA PRO B 142 -5.83 -8.92 -19.29
C PRO B 142 -5.94 -10.06 -20.30
N GLU B 143 -5.12 -10.03 -21.37
CA GLU B 143 -5.09 -11.11 -22.36
C GLU B 143 -4.67 -12.45 -21.73
N HIS B 144 -3.87 -12.38 -20.66
CA HIS B 144 -3.35 -13.57 -19.99
C HIS B 144 -4.13 -13.97 -18.73
N GLU B 145 -5.14 -13.18 -18.37
CA GLU B 145 -5.94 -13.47 -17.19
C GLU B 145 -6.75 -14.73 -17.38
N ARG B 146 -6.79 -15.54 -16.33
CA ARG B 146 -7.59 -16.75 -16.33
C ARG B 146 -8.33 -16.81 -15.02
N CYS B 147 -9.41 -17.58 -14.98
CA CYS B 147 -10.20 -17.69 -13.78
C CYS B 147 -10.73 -19.09 -13.64
N ILE B 148 -10.63 -19.63 -12.42
CA ILE B 148 -11.28 -20.86 -12.01
C ILE B 148 -12.43 -20.50 -11.09
N VAL B 149 -13.58 -21.13 -11.32
CA VAL B 149 -14.81 -20.75 -10.63
C VAL B 149 -14.70 -21.07 -9.14
N TRP B 150 -15.15 -20.14 -8.29
CA TRP B 150 -15.04 -20.24 -6.83
C TRP B 150 -15.48 -21.58 -6.24
N ASN B 151 -16.55 -22.15 -6.79
CA ASN B 151 -17.17 -23.34 -6.21
C ASN B 151 -16.81 -24.63 -6.94
N ASP B 152 -15.66 -24.62 -7.60
CA ASP B 152 -15.20 -25.79 -8.29
C ASP B 152 -15.25 -27.01 -7.37
N PRO B 153 -15.87 -28.10 -7.85
CA PRO B 153 -16.08 -29.25 -6.99
C PRO B 153 -14.84 -30.11 -6.74
N GLU B 154 -13.77 -29.92 -7.53
CA GLU B 154 -12.53 -30.67 -7.28
C GLU B 154 -11.67 -29.96 -6.25
N LEU B 155 -11.62 -28.63 -6.32
CA LEU B 155 -10.84 -27.86 -5.35
C LEU B 155 -11.46 -27.88 -3.97
N LYS B 156 -12.79 -27.86 -3.91
CA LYS B 156 -13.53 -28.01 -2.66
C LYS B 156 -13.08 -26.97 -1.63
N ILE B 157 -13.14 -25.71 -2.03
CA ILE B 157 -12.78 -24.62 -1.14
C ILE B 157 -13.92 -24.32 -0.20
N ASP B 158 -13.60 -24.25 1.08
CA ASP B 158 -14.61 -24.01 2.12
C ASP B 158 -14.71 -22.50 2.36
N TRP B 159 -15.49 -21.81 1.54
CA TRP B 159 -15.65 -20.37 1.70
C TRP B 159 -16.61 -20.17 2.87
N PRO B 160 -16.23 -19.32 3.86
CA PRO B 160 -17.20 -19.01 4.93
C PRO B 160 -18.27 -18.03 4.46
N LEU B 161 -19.28 -18.56 3.78
CA LEU B 161 -20.40 -17.77 3.27
C LEU B 161 -21.67 -18.25 3.96
N GLN B 162 -22.63 -17.35 4.08
CA GLN B 162 -23.91 -17.65 4.69
C GLN B 162 -25.01 -17.48 3.65
N ASP B 163 -24.60 -17.26 2.41
CA ASP B 163 -25.48 -16.85 1.34
C ASP B 163 -24.69 -17.04 0.04
N ALA B 164 -25.36 -16.93 -1.09
CA ALA B 164 -24.68 -17.02 -2.37
C ALA B 164 -23.73 -15.83 -2.49
N PRO B 165 -22.57 -16.02 -3.10
CA PRO B 165 -21.63 -14.91 -3.18
C PRO B 165 -22.03 -13.91 -4.24
N LEU B 166 -21.52 -12.70 -4.12
CA LEU B 166 -21.78 -11.68 -5.10
C LEU B 166 -20.53 -11.65 -5.98
N LEU B 167 -20.71 -12.06 -7.23
CA LEU B 167 -19.60 -12.25 -8.18
C LEU B 167 -19.67 -11.30 -9.36
N SER B 168 -18.52 -10.91 -9.87
CA SER B 168 -18.45 -10.27 -11.17
C SER B 168 -18.88 -11.30 -12.24
N GLU B 169 -19.25 -10.81 -13.41
CA GLU B 169 -19.57 -11.72 -14.52
C GLU B 169 -18.40 -12.62 -14.91
N LYS B 170 -17.20 -12.03 -14.99
CA LYS B 170 -15.97 -12.77 -15.27
C LYS B 170 -15.80 -13.93 -14.29
N ASP B 171 -16.02 -13.63 -13.01
CA ASP B 171 -15.81 -14.63 -11.99
C ASP B 171 -16.93 -15.67 -11.96
N ARG B 172 -18.17 -15.24 -12.21
CA ARG B 172 -19.28 -16.18 -12.34
C ARG B 172 -19.01 -17.17 -13.48
N GLN B 173 -18.34 -16.70 -14.53
CA GLN B 173 -18.02 -17.52 -15.69
C GLN B 173 -16.67 -18.23 -15.64
N GLY B 174 -16.09 -18.34 -14.46
CA GLY B 174 -14.81 -19.03 -14.29
C GLY B 174 -14.87 -20.47 -14.79
N LYS B 175 -13.74 -20.97 -15.25
CA LYS B 175 -13.67 -22.34 -15.75
C LYS B 175 -13.61 -23.35 -14.61
N ALA B 176 -13.93 -24.60 -14.94
CA ALA B 176 -13.68 -25.69 -14.01
C ALA B 176 -12.18 -25.94 -13.95
N PHE B 177 -11.71 -26.34 -12.78
CA PHE B 177 -10.31 -26.69 -12.57
C PHE B 177 -9.84 -27.74 -13.59
N ALA B 178 -10.70 -28.72 -13.87
CA ALA B 178 -10.42 -29.76 -14.86
C ALA B 178 -10.16 -29.20 -16.26
N ASP B 179 -10.73 -28.04 -16.57
CA ASP B 179 -10.58 -27.42 -17.88
C ASP B 179 -9.60 -26.24 -17.90
N ALA B 180 -9.02 -25.93 -16.74
CA ALA B 180 -8.25 -24.70 -16.58
C ALA B 180 -6.81 -24.83 -17.08
N ASP B 181 -6.27 -23.76 -17.68
CA ASP B 181 -4.85 -23.69 -17.98
C ASP B 181 -4.10 -23.70 -16.67
N CYS B 182 -3.04 -24.50 -16.58
CA CYS B 182 -2.22 -24.56 -15.37
C CYS B 182 -0.76 -24.28 -15.70
N PHE B 183 0.05 -24.10 -14.66
CA PHE B 183 1.48 -23.86 -14.84
C PHE B 183 2.27 -25.18 -14.86
N PRO B 184 3.46 -25.18 -15.46
CA PRO B 184 4.32 -26.37 -15.42
C PRO B 184 4.56 -26.88 -13.99
O4P TDO C . 6.27 10.28 13.27
P2 TDO C . 6.27 9.04 12.41
O3P TDO C . 4.80 8.46 11.86
O1 TDO C . 7.30 9.34 11.20
C1 TDO C . 6.87 9.47 9.84
C2 TDO C . 8.09 9.24 8.93
O2 TDO C . 9.11 10.19 9.23
C3 TDO C . 7.68 9.40 7.48
O3 TDO C . 8.78 9.17 6.57
C4 TDO C . 7.09 10.78 7.33
O4 TDO C . 7.55 11.58 6.53
C5 TDO C . 5.92 11.06 8.25
O5 TDO C . 6.33 10.79 9.60
C6 TDO C . 5.43 12.50 8.16
OPP TDO C . 6.92 7.79 13.21
P TDO C . 8.02 7.86 14.39
O1P TDO C . 7.44 8.50 15.63
O2P TDO C . 9.49 8.50 13.91
O5' TDO C . 8.22 6.30 14.73
C5' TDO C . 7.15 5.57 15.32
C4' TDO C . 7.57 4.13 15.54
O4' TDO C . 7.75 3.42 14.31
C3' TDO C . 8.88 4.05 16.26
O3' TDO C . 8.74 3.00 17.22
C2' TDO C . 9.91 3.70 15.20
C1' TDO C . 9.08 2.91 14.20
N11 TDO C . 9.44 3.06 12.79
C21 TDO C . 9.75 2.01 12.03
O21 TDO C . 9.83 0.85 12.49
N31 TDO C . 10.02 2.15 10.73
C41 TDO C . 9.98 3.33 10.11
O41 TDO C . 10.24 3.41 8.91
C51 TDO C . 9.63 4.53 10.91
C5A TDO C . 9.54 5.91 10.31
C61 TDO C . 9.34 4.30 12.24
O4P TDO D . -11.95 -9.00 -9.74
P2 TDO D . -10.84 -8.01 -9.64
O3P TDO D . -10.75 -7.13 -8.21
O1 TDO D . -9.43 -8.76 -9.92
C1 TDO D . -8.44 -9.05 -8.93
C2 TDO D . -7.19 -9.54 -9.67
O2 TDO D . -7.47 -10.69 -10.45
C3 TDO D . -6.08 -9.90 -8.69
O3 TDO D . -4.91 -10.34 -9.41
C4 TDO D . -6.62 -10.84 -7.65
O4 TDO D . -6.00 -11.85 -7.35
C5 TDO D . -7.91 -10.42 -6.98
O5 TDO D . -8.87 -10.06 -7.97
C6 TDO D . -8.53 -11.53 -6.13
OPP TDO D . -10.87 -6.96 -10.83
P TDO D . -11.48 -7.11 -12.30
O1P TDO D . -12.98 -7.40 -12.28
O2P TDO D . -10.57 -8.18 -13.22
O5' TDO D . -11.19 -5.61 -12.87
C5' TDO D . -11.95 -4.49 -12.44
C4' TDO D . -11.56 -3.24 -13.22
O4' TDO D . -10.23 -2.82 -12.92
C3' TDO D . -11.58 -3.47 -14.72
O3' TDO D . -12.04 -2.26 -15.33
C2' TDO D . -10.14 -3.73 -15.11
C1' TDO D . -9.39 -2.88 -14.09
N11 TDO D . -8.08 -3.42 -13.67
C21 TDO D . -6.95 -2.66 -13.83
O21 TDO D . -7.02 -1.53 -14.38
N31 TDO D . -5.76 -3.13 -13.42
C41 TDO D . -5.62 -4.34 -12.84
O41 TDO D . -4.52 -4.76 -12.45
C51 TDO D . -6.83 -5.16 -12.65
C5A TDO D . -6.77 -6.52 -11.99
C61 TDO D . -8.03 -4.63 -13.09
#